data_386D
# 
_entry.id   386D 
# 
_audit_conform.dict_name       mmcif_pdbx.dic 
_audit_conform.dict_version    5.387 
_audit_conform.dict_location   http://mmcif.pdb.org/dictionaries/ascii/mmcif_pdbx.dic 
# 
loop_
_database_2.database_id 
_database_2.database_code 
_database_2.pdbx_database_accession 
_database_2.pdbx_DOI 
PDB   386D         pdb_0000386d 10.2210/pdb386d/pdb 
RCSB  DDF079       ?            ?                   
WWPDB D_1000178851 ?            ?                   
# 
loop_
_pdbx_audit_revision_history.ordinal 
_pdbx_audit_revision_history.data_content_type 
_pdbx_audit_revision_history.major_revision 
_pdbx_audit_revision_history.minor_revision 
_pdbx_audit_revision_history.revision_date 
1 'Structure model' 1 0 1998-03-12 
2 'Structure model' 1 1 2008-05-22 
3 'Structure model' 1 2 2011-07-13 
4 'Structure model' 2 0 2024-02-21 
# 
_pdbx_audit_revision_details.ordinal             1 
_pdbx_audit_revision_details.revision_ordinal    1 
_pdbx_audit_revision_details.data_content_type   'Structure model' 
_pdbx_audit_revision_details.provider            repository 
_pdbx_audit_revision_details.type                'Initial release' 
_pdbx_audit_revision_details.description         ? 
_pdbx_audit_revision_details.details             ? 
# 
loop_
_pdbx_audit_revision_group.ordinal 
_pdbx_audit_revision_group.revision_ordinal 
_pdbx_audit_revision_group.data_content_type 
_pdbx_audit_revision_group.group 
1 2 'Structure model' 'Version format compliance' 
2 3 'Structure model' 'Version format compliance' 
3 4 'Structure model' 'Atomic model'              
4 4 'Structure model' 'Data collection'           
5 4 'Structure model' 'Database references'       
6 4 'Structure model' 'Derived calculations'      
# 
loop_
_pdbx_audit_revision_category.ordinal 
_pdbx_audit_revision_category.revision_ordinal 
_pdbx_audit_revision_category.data_content_type 
_pdbx_audit_revision_category.category 
1 4 'Structure model' atom_site      
2 4 'Structure model' chem_comp_atom 
3 4 'Structure model' chem_comp_bond 
4 4 'Structure model' database_2     
5 4 'Structure model' struct_site    
# 
loop_
_pdbx_audit_revision_item.ordinal 
_pdbx_audit_revision_item.revision_ordinal 
_pdbx_audit_revision_item.data_content_type 
_pdbx_audit_revision_item.item 
1 4 'Structure model' '_atom_site.occupancy'                
2 4 'Structure model' '_database_2.pdbx_DOI'                
3 4 'Structure model' '_database_2.pdbx_database_accession' 
4 4 'Structure model' '_struct_site.pdbx_auth_asym_id'      
5 4 'Structure model' '_struct_site.pdbx_auth_comp_id'      
6 4 'Structure model' '_struct_site.pdbx_auth_seq_id'       
# 
_pdbx_database_status.status_code                     REL 
_pdbx_database_status.entry_id                        386D 
_pdbx_database_status.recvd_initial_deposition_date   1998-03-11 
_pdbx_database_status.deposit_site                    NDB 
_pdbx_database_status.process_site                    NDB 
_pdbx_database_status.status_code_sf                  REL 
_pdbx_database_status.status_code_mr                  ? 
_pdbx_database_status.SG_entry                        ? 
_pdbx_database_status.pdb_format_compatible           Y 
_pdbx_database_status.status_code_cs                  ? 
_pdbx_database_status.status_code_nmr_data            ? 
_pdbx_database_status.methods_development_category    ? 
# 
loop_
_audit_author.name 
_audit_author.pdbx_ordinal 
'Gasper, S.M.'   1 
'Armitage, B.'   2 
'Shui, X.'       3 
'Hu, G.G.'       4 
'Yu, C.'         5 
'Schuster, G.'   6 
'Williams, L.D.' 7 
# 
_citation.id                        primary 
_citation.title                     'Three-Dimensional Structure and Reactivity of a Photochemical Cleavage Agent Bound to DNA' 
_citation.journal_abbrev            J.Am.Chem.Soc. 
_citation.journal_volume            120 
_citation.page_first                12402 
_citation.page_last                 12409 
_citation.year                      1998 
_citation.journal_id_ASTM           JACSAT 
_citation.country                   US 
_citation.journal_id_ISSN           0002-7863 
_citation.journal_id_CSD            0004 
_citation.book_publisher            ? 
_citation.pdbx_database_id_PubMed   -1 
_citation.pdbx_database_id_DOI      ? 
# 
loop_
_citation_author.citation_id 
_citation_author.name 
_citation_author.ordinal 
_citation_author.identifier_ORCID 
primary 'Gasper, S.M.'   1 ? 
primary 'Armitage, B.'   2 ? 
primary 'Shui, X.'       3 ? 
primary 'Hu, G.G.'       4 ? 
primary 'Yu, C.'         5 ? 
primary 'Schuster, G.'   6 ? 
primary 'Williams, L.D.' 7 ? 
# 
loop_
_entity.id 
_entity.type 
_entity.src_method 
_entity.pdbx_description 
_entity.formula_weight 
_entity.pdbx_number_of_molecules 
_entity.pdbx_ec 
_entity.pdbx_mutation 
_entity.pdbx_fragment 
_entity.details 
1 polymer     man 
;DNA (5'-D(*CP*GP*TP*AP*CP*G)-3')
;
1809.217 1  ? ? ? ? 
2 non-polymer syn 'N,N-BIS(3-AMINOPROPYL)-2-ANTHRAQUINONESULFONAMIDE' 403.495  1  ? ? ? ? 
3 water       nat water                                               18.015   22 ? ? ? ? 
# 
_entity_poly.entity_id                      1 
_entity_poly.type                           polydeoxyribonucleotide 
_entity_poly.nstd_linkage                   no 
_entity_poly.nstd_monomer                   no 
_entity_poly.pdbx_seq_one_letter_code       '(DC)(DG)(DT)(DA)(DC)(DG)' 
_entity_poly.pdbx_seq_one_letter_code_can   CGTACG 
_entity_poly.pdbx_strand_id                 A 
_entity_poly.pdbx_target_identifier         ? 
# 
loop_
_pdbx_entity_nonpoly.entity_id 
_pdbx_entity_nonpoly.name 
_pdbx_entity_nonpoly.comp_id 
2 'N,N-BIS(3-AMINOPROPYL)-2-ANTHRAQUINONESULFONAMIDE' AQS 
3 water                                               HOH 
# 
loop_
_entity_poly_seq.entity_id 
_entity_poly_seq.num 
_entity_poly_seq.mon_id 
_entity_poly_seq.hetero 
1 1 DC n 
1 2 DG n 
1 3 DT n 
1 4 DA n 
1 5 DC n 
1 6 DG n 
# 
loop_
_chem_comp.id 
_chem_comp.type 
_chem_comp.mon_nstd_flag 
_chem_comp.name 
_chem_comp.pdbx_synonyms 
_chem_comp.formula 
_chem_comp.formula_weight 
AQS non-polymer   . 'N,N-BIS(3-AMINOPROPYL)-2-ANTHRAQUINONESULFONAMIDE' ? 'C20 H25 N3 O4 S 2' 403.495 
DA  'DNA linking' y "2'-DEOXYADENOSINE-5'-MONOPHOSPHATE"                ? 'C10 H14 N5 O6 P'   331.222 
DC  'DNA linking' y "2'-DEOXYCYTIDINE-5'-MONOPHOSPHATE"                 ? 'C9 H14 N3 O7 P'    307.197 
DG  'DNA linking' y "2'-DEOXYGUANOSINE-5'-MONOPHOSPHATE"                ? 'C10 H14 N5 O7 P'   347.221 
DT  'DNA linking' y "THYMIDINE-5'-MONOPHOSPHATE"                        ? 'C10 H15 N2 O8 P'   322.208 
HOH non-polymer   . WATER                                               ? 'H2 O'              18.015  
# 
loop_
_pdbx_poly_seq_scheme.asym_id 
_pdbx_poly_seq_scheme.entity_id 
_pdbx_poly_seq_scheme.seq_id 
_pdbx_poly_seq_scheme.mon_id 
_pdbx_poly_seq_scheme.ndb_seq_num 
_pdbx_poly_seq_scheme.pdb_seq_num 
_pdbx_poly_seq_scheme.auth_seq_num 
_pdbx_poly_seq_scheme.pdb_mon_id 
_pdbx_poly_seq_scheme.auth_mon_id 
_pdbx_poly_seq_scheme.pdb_strand_id 
_pdbx_poly_seq_scheme.pdb_ins_code 
_pdbx_poly_seq_scheme.hetero 
A 1 1 DC 1 1 1 DC C A . n 
A 1 2 DG 2 2 2 DG G A . n 
A 1 3 DT 3 3 3 DT T A . n 
A 1 4 DA 4 4 4 DA A A . n 
A 1 5 DC 5 5 5 DC C A . n 
A 1 6 DG 6 6 6 DG G A . n 
# 
loop_
_pdbx_nonpoly_scheme.asym_id 
_pdbx_nonpoly_scheme.entity_id 
_pdbx_nonpoly_scheme.mon_id 
_pdbx_nonpoly_scheme.ndb_seq_num 
_pdbx_nonpoly_scheme.pdb_seq_num 
_pdbx_nonpoly_scheme.auth_seq_num 
_pdbx_nonpoly_scheme.pdb_mon_id 
_pdbx_nonpoly_scheme.auth_mon_id 
_pdbx_nonpoly_scheme.pdb_strand_id 
_pdbx_nonpoly_scheme.pdb_ins_code 
B 2 AQS 1  7  7  AQS AQS A . 
C 3 HOH 1  21 21 HOH HOH A . 
C 3 HOH 2  22 22 HOH HOH A . 
C 3 HOH 3  23 23 HOH HOH A . 
C 3 HOH 4  24 24 HOH HOH A . 
C 3 HOH 5  25 25 HOH HOH A . 
C 3 HOH 6  26 26 HOH HOH A . 
C 3 HOH 7  27 27 HOH HOH A . 
C 3 HOH 8  28 28 HOH HOH A . 
C 3 HOH 9  29 29 HOH HOH A . 
C 3 HOH 10 30 30 HOH HOH A . 
C 3 HOH 11 31 31 HOH HOH A . 
C 3 HOH 12 32 32 HOH HOH A . 
C 3 HOH 13 33 33 HOH HOH A . 
C 3 HOH 14 34 34 HOH HOH A . 
C 3 HOH 15 35 35 HOH HOH A . 
C 3 HOH 16 36 36 HOH HOH A . 
C 3 HOH 17 37 37 HOH HOH A . 
C 3 HOH 18 38 38 HOH HOH A . 
C 3 HOH 19 39 39 HOH HOH A . 
C 3 HOH 20 40 40 HOH HOH A . 
C 3 HOH 21 41 41 HOH HOH A . 
C 3 HOH 22 42 42 HOH HOH A . 
# 
loop_
_software.name 
_software.classification 
_software.version 
_software.citation_id 
_software.pdbx_ordinal 
MAD    'model building'  .   ? 1 
X-PLOR refinement        3.1 ? 2 
ADSC   'data collection' .   ? 3 
MAD    phasing           .   ? 4 
# 
_cell.entry_id           386D 
_cell.length_a           31.020 
_cell.length_b           31.020 
_cell.length_c           64.910 
_cell.angle_alpha        90.00 
_cell.angle_beta         90.00 
_cell.angle_gamma        120.00 
_cell.Z_PDB              12 
_cell.pdbx_unique_axis   ? 
# 
_symmetry.entry_id                         386D 
_symmetry.space_group_name_H-M             'P 65 2 2' 
_symmetry.pdbx_full_space_group_name_H-M   ? 
_symmetry.cell_setting                     ? 
_symmetry.Int_Tables_number                179 
# 
_exptl.entry_id          386D 
_exptl.method            'X-RAY DIFFRACTION' 
_exptl.crystals_number   1 
# 
_exptl_crystal.id                    1 
_exptl_crystal.density_meas          ? 
_exptl_crystal.density_Matthews      2.49 
_exptl_crystal.density_percent_sol   50.63 
_exptl_crystal.description           ? 
# 
_exptl_crystal_grow.crystal_id      1 
_exptl_crystal_grow.method          'VAPOR DIFFUSION, SITTING DROP' 
_exptl_crystal_grow.temp            ? 
_exptl_crystal_grow.temp_details    ? 
_exptl_crystal_grow.pH              6.50 
_exptl_crystal_grow.pdbx_details    'pH 6.50, VAPOR DIFFUSION, SITTING DROP' 
_exptl_crystal_grow.pdbx_pH_range   ? 
# 
loop_
_exptl_crystal_grow_comp.crystal_id 
_exptl_crystal_grow_comp.id 
_exptl_crystal_grow_comp.sol_id 
_exptl_crystal_grow_comp.name 
_exptl_crystal_grow_comp.volume 
_exptl_crystal_grow_comp.conc 
_exptl_crystal_grow_comp.details 
1 1 1 WATER           ? ? ? 
1 2 1 'NA CACODYLATE' ? ? ? 
1 3 1 MGCL2           ? ? ? 
1 4 1 MPD             ? ? ? 
1 5 1 SPERMINE_HCL    ? ? ? 
1 6 2 WATER           ? ? ? 
1 7 2 MPD             ? ? ? 
# 
_diffrn.id                     1 
_diffrn.ambient_temp           136.00 
_diffrn.ambient_temp_details   ? 
_diffrn.crystal_id             1 
# 
_diffrn_detector.diffrn_id              1 
_diffrn_detector.detector               'AREA DETECTOR' 
_diffrn_detector.type                   SDMS 
_diffrn_detector.pdbx_collection_date   ? 
_diffrn_detector.details                ? 
# 
_diffrn_radiation.diffrn_id                        1 
_diffrn_radiation.wavelength_id                    1 
_diffrn_radiation.pdbx_monochromatic_or_laue_m_l   M 
_diffrn_radiation.monochromator                    GRAPHITE 
_diffrn_radiation.pdbx_diffrn_protocol             ? 
_diffrn_radiation.pdbx_scattering_type             x-ray 
# 
_diffrn_radiation_wavelength.id           1 
_diffrn_radiation_wavelength.wavelength   1.5418 
_diffrn_radiation_wavelength.wt           1.0 
# 
_diffrn_source.diffrn_id                   1 
_diffrn_source.source                      'ROTATING ANODE' 
_diffrn_source.type                        'RIGAKU RU200' 
_diffrn_source.pdbx_synchrotron_site       ? 
_diffrn_source.pdbx_synchrotron_beamline   ? 
_diffrn_source.pdbx_wavelength             1.5418 
_diffrn_source.pdbx_wavelength_list        ? 
# 
_reflns.entry_id                     386D 
_reflns.observed_criterion_sigma_I   ? 
_reflns.observed_criterion_sigma_F   ? 
_reflns.d_resolution_low             ? 
_reflns.d_resolution_high            ? 
_reflns.number_obs                   ? 
_reflns.number_all                   ? 
_reflns.percent_possible_obs         ? 
_reflns.pdbx_Rmerge_I_obs            0.0770000 
_reflns.pdbx_Rsym_value              ? 
_reflns.pdbx_netI_over_sigmaI        ? 
_reflns.B_iso_Wilson_estimate        ? 
_reflns.pdbx_redundancy              12.44 
_reflns.pdbx_diffrn_id               1 
_reflns.pdbx_ordinal                 1 
# 
_reflns_shell.d_res_high             1.800 
_reflns_shell.d_res_low              1.880 
_reflns_shell.percent_possible_all   65.60 
_reflns_shell.Rmerge_I_obs           ? 
_reflns_shell.pdbx_Rsym_value        ? 
_reflns_shell.meanI_over_sigI_obs    ? 
_reflns_shell.pdbx_redundancy        ? 
_reflns_shell.pdbx_diffrn_id         ? 
_reflns_shell.pdbx_ordinal           1 
# 
_refine.entry_id                                 386D 
_refine.ls_number_reflns_obs                     1680 
_refine.ls_number_reflns_all                     1972 
_refine.pdbx_ls_sigma_I                          ? 
_refine.pdbx_ls_sigma_F                          5.000 
_refine.pdbx_data_cutoff_high_absF               ? 
_refine.pdbx_data_cutoff_low_absF                ? 
_refine.pdbx_data_cutoff_high_rms_absF           ? 
_refine.ls_d_res_low                             10.000 
_refine.ls_d_res_high                            1.800 
_refine.ls_percent_reflns_obs                    ? 
_refine.ls_R_factor_obs                          0.1960000 
_refine.ls_R_factor_all                          ? 
_refine.ls_R_factor_R_work                       0.1960000 
_refine.ls_R_factor_R_free                       0.2680000 
_refine.ls_R_factor_R_free_error                 ? 
_refine.ls_R_factor_R_free_error_details         ? 
_refine.ls_percent_reflns_R_free                 ? 
_refine.ls_number_reflns_R_free                  ? 
_refine.ls_number_parameters                     ? 
_refine.ls_number_restraints                     ? 
_refine.occupancy_min                            ? 
_refine.occupancy_max                            ? 
_refine.B_iso_mean                               ? 
_refine.aniso_B[1][1]                            ? 
_refine.aniso_B[2][2]                            ? 
_refine.aniso_B[3][3]                            ? 
_refine.aniso_B[1][2]                            ? 
_refine.aniso_B[1][3]                            ? 
_refine.aniso_B[2][3]                            ? 
_refine.solvent_model_details                    ? 
_refine.solvent_model_param_ksol                 ? 
_refine.solvent_model_param_bsol                 ? 
_refine.pdbx_ls_cross_valid_method               ? 
_refine.details                                  ? 
_refine.pdbx_starting_model                      ? 
_refine.pdbx_method_to_determine_struct          ? 
_refine.pdbx_isotropic_thermal_model             ? 
_refine.pdbx_stereochemistry_target_values       ? 
_refine.pdbx_stereochem_target_val_spec_case     ? 
_refine.pdbx_R_Free_selection_details            ? 
_refine.pdbx_overall_ESU_R                       ? 
_refine.pdbx_overall_ESU_R_Free                  ? 
_refine.overall_SU_ML                            ? 
_refine.overall_SU_B                             ? 
_refine.pdbx_refine_id                           'X-RAY DIFFRACTION' 
_refine.pdbx_diffrn_id                           1 
_refine.pdbx_TLS_residual_ADP_flag               ? 
_refine.correlation_coeff_Fo_to_Fc               ? 
_refine.correlation_coeff_Fo_to_Fc_free          ? 
_refine.pdbx_solvent_vdw_probe_radii             ? 
_refine.pdbx_solvent_ion_probe_radii             ? 
_refine.pdbx_solvent_shrinkage_radii             ? 
_refine.pdbx_overall_phase_error                 ? 
_refine.overall_SU_R_Cruickshank_DPI             ? 
_refine.pdbx_overall_SU_R_free_Cruickshank_DPI   ? 
_refine.pdbx_overall_SU_R_Blow_DPI               ? 
_refine.pdbx_overall_SU_R_free_Blow_DPI          ? 
# 
_refine_hist.pdbx_refine_id                   'X-RAY DIFFRACTION' 
_refine_hist.cycle_id                         LAST 
_refine_hist.pdbx_number_atoms_protein        0 
_refine_hist.pdbx_number_atoms_nucleic_acid   120 
_refine_hist.pdbx_number_atoms_ligand         28 
_refine_hist.number_atoms_solvent             22 
_refine_hist.number_atoms_total               170 
_refine_hist.d_res_high                       1.800 
_refine_hist.d_res_low                        10.000 
# 
loop_
_refine_ls_restr.type 
_refine_ls_restr.dev_ideal 
_refine_ls_restr.dev_ideal_target 
_refine_ls_restr.weight 
_refine_ls_restr.number 
_refine_ls_restr.pdbx_refine_id 
_refine_ls_restr.pdbx_restraint_function 
x_bond_d                0.014 ? ? ? 'X-RAY DIFFRACTION' ? 
x_bond_d_na             ?     ? ? ? 'X-RAY DIFFRACTION' ? 
x_bond_d_prot           ?     ? ? ? 'X-RAY DIFFRACTION' ? 
x_angle_d               ?     ? ? ? 'X-RAY DIFFRACTION' ? 
x_angle_d_na            ?     ? ? ? 'X-RAY DIFFRACTION' ? 
x_angle_d_prot          ?     ? ? ? 'X-RAY DIFFRACTION' ? 
x_angle_deg             3.02  ? ? ? 'X-RAY DIFFRACTION' ? 
x_angle_deg_na          ?     ? ? ? 'X-RAY DIFFRACTION' ? 
x_angle_deg_prot        ?     ? ? ? 'X-RAY DIFFRACTION' ? 
x_dihedral_angle_d      ?     ? ? ? 'X-RAY DIFFRACTION' ? 
x_dihedral_angle_d_na   ?     ? ? ? 'X-RAY DIFFRACTION' ? 
x_dihedral_angle_d_prot ?     ? ? ? 'X-RAY DIFFRACTION' ? 
x_improper_angle_d      ?     ? ? ? 'X-RAY DIFFRACTION' ? 
x_improper_angle_d_na   ?     ? ? ? 'X-RAY DIFFRACTION' ? 
x_improper_angle_d_prot ?     ? ? ? 'X-RAY DIFFRACTION' ? 
x_mcbond_it             ?     ? ? ? 'X-RAY DIFFRACTION' ? 
x_mcangle_it            ?     ? ? ? 'X-RAY DIFFRACTION' ? 
x_scbond_it             ?     ? ? ? 'X-RAY DIFFRACTION' ? 
x_scangle_it            ?     ? ? ? 'X-RAY DIFFRACTION' ? 
# 
_struct.entry_id                  386D 
_struct.title                     'THREE-DIMENSIONAL STRUCTURE AND REACTIVITY OF A PHOTOCHEMICAL CLEAVAGE AGENT BOUND TO DNA' 
_struct.pdbx_model_details        ? 
_struct.pdbx_CASP_flag            ? 
_struct.pdbx_model_type_details   ? 
# 
_struct_keywords.entry_id        386D 
_struct_keywords.pdbx_keywords   DNA 
_struct_keywords.text            'RIGHT HANDED DNA, DOUBLE HELIX, COMPLEXED WITH DRUG, DNA' 
# 
loop_
_struct_asym.id 
_struct_asym.pdbx_blank_PDB_chainid_flag 
_struct_asym.pdbx_modified 
_struct_asym.entity_id 
_struct_asym.details 
A N N 1 ? 
B N N 2 ? 
C N N 3 ? 
# 
_struct_ref.id                         1 
_struct_ref.entity_id                  1 
_struct_ref.db_name                    PDB 
_struct_ref.db_code                    386D 
_struct_ref.pdbx_db_accession          386D 
_struct_ref.pdbx_db_isoform            ? 
_struct_ref.pdbx_seq_one_letter_code   ? 
_struct_ref.pdbx_align_begin           ? 
# 
_struct_ref_seq.align_id                      1 
_struct_ref_seq.ref_id                        1 
_struct_ref_seq.pdbx_PDB_id_code              386D 
_struct_ref_seq.pdbx_strand_id                A 
_struct_ref_seq.seq_align_beg                 1 
_struct_ref_seq.pdbx_seq_align_beg_ins_code   ? 
_struct_ref_seq.seq_align_end                 6 
_struct_ref_seq.pdbx_seq_align_end_ins_code   ? 
_struct_ref_seq.pdbx_db_accession             386D 
_struct_ref_seq.db_align_beg                  1 
_struct_ref_seq.pdbx_db_align_beg_ins_code    ? 
_struct_ref_seq.db_align_end                  6 
_struct_ref_seq.pdbx_db_align_end_ins_code    ? 
_struct_ref_seq.pdbx_auth_seq_align_beg       1 
_struct_ref_seq.pdbx_auth_seq_align_end       6 
# 
_pdbx_struct_assembly.id                   1 
_pdbx_struct_assembly.details              author_defined_assembly 
_pdbx_struct_assembly.method_details       ? 
_pdbx_struct_assembly.oligomeric_details   dimeric 
_pdbx_struct_assembly.oligomeric_count     2 
# 
_pdbx_struct_assembly_gen.assembly_id       1 
_pdbx_struct_assembly_gen.oper_expression   1,2 
_pdbx_struct_assembly_gen.asym_id_list      A,B,C 
# 
loop_
_pdbx_struct_oper_list.id 
_pdbx_struct_oper_list.type 
_pdbx_struct_oper_list.name 
_pdbx_struct_oper_list.symmetry_operation 
_pdbx_struct_oper_list.matrix[1][1] 
_pdbx_struct_oper_list.matrix[1][2] 
_pdbx_struct_oper_list.matrix[1][3] 
_pdbx_struct_oper_list.vector[1] 
_pdbx_struct_oper_list.matrix[2][1] 
_pdbx_struct_oper_list.matrix[2][2] 
_pdbx_struct_oper_list.matrix[2][3] 
_pdbx_struct_oper_list.vector[2] 
_pdbx_struct_oper_list.matrix[3][1] 
_pdbx_struct_oper_list.matrix[3][2] 
_pdbx_struct_oper_list.matrix[3][3] 
_pdbx_struct_oper_list.vector[3] 
1 'identity operation'         1_555  x,y,z           1.0000000000  0.0000000000  0.0000000000 0.0000000000  0.0000000000  1.0000000000 0.0000000000  0.0000000000  0.0000000000 0.0000000000  1.0000000000  0.0000000000 
2 'crystal symmetry operation' 11_655 -x+y+1,y,-z+1/2 -0.7495561195 -0.5913444903 0.2974513700 -4.5798783649 -0.5913444903 0.3962741095 -0.7023378987 -0.0667416765 0.2974513700 -0.7023378987 -0.6467179900 3.7234159905 
# 
_struct_biol.id   1 
# 
loop_
_struct_conn.id 
_struct_conn.conn_type_id 
_struct_conn.pdbx_leaving_atom_flag 
_struct_conn.pdbx_PDB_id 
_struct_conn.ptnr1_label_asym_id 
_struct_conn.ptnr1_label_comp_id 
_struct_conn.ptnr1_label_seq_id 
_struct_conn.ptnr1_label_atom_id 
_struct_conn.pdbx_ptnr1_label_alt_id 
_struct_conn.pdbx_ptnr1_PDB_ins_code 
_struct_conn.pdbx_ptnr1_standard_comp_id 
_struct_conn.ptnr1_symmetry 
_struct_conn.ptnr2_label_asym_id 
_struct_conn.ptnr2_label_comp_id 
_struct_conn.ptnr2_label_seq_id 
_struct_conn.ptnr2_label_atom_id 
_struct_conn.pdbx_ptnr2_label_alt_id 
_struct_conn.pdbx_ptnr2_PDB_ins_code 
_struct_conn.ptnr1_auth_asym_id 
_struct_conn.ptnr1_auth_comp_id 
_struct_conn.ptnr1_auth_seq_id 
_struct_conn.ptnr2_auth_asym_id 
_struct_conn.ptnr2_auth_comp_id 
_struct_conn.ptnr2_auth_seq_id 
_struct_conn.ptnr2_symmetry 
_struct_conn.pdbx_ptnr3_label_atom_id 
_struct_conn.pdbx_ptnr3_label_seq_id 
_struct_conn.pdbx_ptnr3_label_comp_id 
_struct_conn.pdbx_ptnr3_label_asym_id 
_struct_conn.pdbx_ptnr3_label_alt_id 
_struct_conn.pdbx_ptnr3_PDB_ins_code 
_struct_conn.details 
_struct_conn.pdbx_dist_value 
_struct_conn.pdbx_value_order 
_struct_conn.pdbx_role 
hydrog1  hydrog ? ? A DC 1 N3 ? ? ? 1_555 A DG 6 N1 ? ? A DC 1 A DG 6 11_655 ? ? ? ? ? ? WATSON-CRICK ? ? ? 
hydrog2  hydrog ? ? A DC 1 N4 ? ? ? 1_555 A DG 6 O6 ? ? A DC 1 A DG 6 11_655 ? ? ? ? ? ? WATSON-CRICK ? ? ? 
hydrog3  hydrog ? ? A DC 1 O2 ? ? ? 1_555 A DG 6 N2 ? ? A DC 1 A DG 6 11_655 ? ? ? ? ? ? WATSON-CRICK ? ? ? 
hydrog4  hydrog ? ? A DG 2 N1 ? ? ? 1_555 A DC 5 N3 ? ? A DG 2 A DC 5 11_655 ? ? ? ? ? ? WATSON-CRICK ? ? ? 
hydrog5  hydrog ? ? A DG 2 N2 ? ? ? 1_555 A DC 5 O2 ? ? A DG 2 A DC 5 11_655 ? ? ? ? ? ? WATSON-CRICK ? ? ? 
hydrog6  hydrog ? ? A DG 2 O6 ? ? ? 1_555 A DC 5 N4 ? ? A DG 2 A DC 5 11_655 ? ? ? ? ? ? WATSON-CRICK ? ? ? 
hydrog7  hydrog ? ? A DT 3 N3 ? ? ? 1_555 A DA 4 N1 ? ? A DT 3 A DA 4 11_655 ? ? ? ? ? ? WATSON-CRICK ? ? ? 
hydrog8  hydrog ? ? A DT 3 O4 ? ? ? 1_555 A DA 4 N6 ? ? A DT 3 A DA 4 11_655 ? ? ? ? ? ? WATSON-CRICK ? ? ? 
hydrog9  hydrog ? ? A DA 4 N1 ? ? ? 1_555 A DT 3 N3 ? ? A DA 4 A DT 3 11_655 ? ? ? ? ? ? WATSON-CRICK ? ? ? 
hydrog10 hydrog ? ? A DA 4 N6 ? ? ? 1_555 A DT 3 O4 ? ? A DA 4 A DT 3 11_655 ? ? ? ? ? ? WATSON-CRICK ? ? ? 
hydrog11 hydrog ? ? A DC 5 N3 ? ? ? 1_555 A DG 2 N1 ? ? A DC 5 A DG 2 11_655 ? ? ? ? ? ? WATSON-CRICK ? ? ? 
hydrog12 hydrog ? ? A DC 5 N4 ? ? ? 1_555 A DG 2 O6 ? ? A DC 5 A DG 2 11_655 ? ? ? ? ? ? WATSON-CRICK ? ? ? 
hydrog13 hydrog ? ? A DC 5 O2 ? ? ? 1_555 A DG 2 N2 ? ? A DC 5 A DG 2 11_655 ? ? ? ? ? ? WATSON-CRICK ? ? ? 
hydrog14 hydrog ? ? A DG 6 N1 ? ? ? 1_555 A DC 1 N3 ? ? A DG 6 A DC 1 11_655 ? ? ? ? ? ? WATSON-CRICK ? ? ? 
hydrog15 hydrog ? ? A DG 6 N2 ? ? ? 1_555 A DC 1 O2 ? ? A DG 6 A DC 1 11_655 ? ? ? ? ? ? WATSON-CRICK ? ? ? 
hydrog16 hydrog ? ? A DG 6 O6 ? ? ? 1_555 A DC 1 N4 ? ? A DG 6 A DC 1 11_655 ? ? ? ? ? ? WATSON-CRICK ? ? ? 
# 
_struct_conn_type.id          hydrog 
_struct_conn_type.criteria    ? 
_struct_conn_type.reference   ? 
# 
loop_
_struct_site.id 
_struct_site.pdbx_evidence_code 
_struct_site.pdbx_auth_asym_id 
_struct_site.pdbx_auth_comp_id 
_struct_site.pdbx_auth_seq_id 
_struct_site.pdbx_auth_ins_code 
_struct_site.pdbx_num_residues 
_struct_site.details 
AC1 Software A AQS 7 ? 9 'BINDING SITE FOR RESIDUE AQS A 7' 
1   ?        ? ?   ? ? ? ?                                  
# 
loop_
_struct_site_gen.id 
_struct_site_gen.site_id 
_struct_site_gen.pdbx_num_res 
_struct_site_gen.label_comp_id 
_struct_site_gen.label_asym_id 
_struct_site_gen.label_seq_id 
_struct_site_gen.pdbx_auth_ins_code 
_struct_site_gen.auth_comp_id 
_struct_site_gen.auth_asym_id 
_struct_site_gen.auth_seq_id 
_struct_site_gen.label_atom_id 
_struct_site_gen.label_alt_id 
_struct_site_gen.symmetry 
_struct_site_gen.details 
1 AC1 9 DC  A 1 ? DC  A 1  . ? 1_555  ? 
2 AC1 9 DC  A 1 ? DC  A 1  . ? 12_555 ? 
3 AC1 9 DG  A 2 ? DG  A 2  . ? 1_555  ? 
4 AC1 9 DA  A 4 ? DA  A 4  . ? 5_555  ? 
5 AC1 9 DC  A 5 ? DC  A 5  . ? 11_655 ? 
6 AC1 9 DG  A 6 ? DG  A 6  . ? 5_565  ? 
7 AC1 9 DG  A 6 ? DG  A 6  . ? 3_665  ? 
8 AC1 9 DG  A 6 ? DG  A 6  . ? 11_655 ? 
9 AC1 9 HOH C . ? HOH A 36 . ? 1_555  ? 
# 
_pdbx_validate_rmsd_bond.id                        1 
_pdbx_validate_rmsd_bond.PDB_model_num             1 
_pdbx_validate_rmsd_bond.auth_atom_id_1            "C5'" 
_pdbx_validate_rmsd_bond.auth_asym_id_1            A 
_pdbx_validate_rmsd_bond.auth_comp_id_1            DC 
_pdbx_validate_rmsd_bond.auth_seq_id_1             1 
_pdbx_validate_rmsd_bond.PDB_ins_code_1            ? 
_pdbx_validate_rmsd_bond.label_alt_id_1            ? 
_pdbx_validate_rmsd_bond.auth_atom_id_2            "C4'" 
_pdbx_validate_rmsd_bond.auth_asym_id_2            A 
_pdbx_validate_rmsd_bond.auth_comp_id_2            DC 
_pdbx_validate_rmsd_bond.auth_seq_id_2             1 
_pdbx_validate_rmsd_bond.PDB_ins_code_2            ? 
_pdbx_validate_rmsd_bond.label_alt_id_2            ? 
_pdbx_validate_rmsd_bond.bond_value                1.559 
_pdbx_validate_rmsd_bond.bond_target_value         1.512 
_pdbx_validate_rmsd_bond.bond_deviation            0.047 
_pdbx_validate_rmsd_bond.bond_standard_deviation   0.007 
_pdbx_validate_rmsd_bond.linker_flag               N 
# 
loop_
_pdbx_validate_rmsd_angle.id 
_pdbx_validate_rmsd_angle.PDB_model_num 
_pdbx_validate_rmsd_angle.auth_atom_id_1 
_pdbx_validate_rmsd_angle.auth_asym_id_1 
_pdbx_validate_rmsd_angle.auth_comp_id_1 
_pdbx_validate_rmsd_angle.auth_seq_id_1 
_pdbx_validate_rmsd_angle.PDB_ins_code_1 
_pdbx_validate_rmsd_angle.label_alt_id_1 
_pdbx_validate_rmsd_angle.auth_atom_id_2 
_pdbx_validate_rmsd_angle.auth_asym_id_2 
_pdbx_validate_rmsd_angle.auth_comp_id_2 
_pdbx_validate_rmsd_angle.auth_seq_id_2 
_pdbx_validate_rmsd_angle.PDB_ins_code_2 
_pdbx_validate_rmsd_angle.label_alt_id_2 
_pdbx_validate_rmsd_angle.auth_atom_id_3 
_pdbx_validate_rmsd_angle.auth_asym_id_3 
_pdbx_validate_rmsd_angle.auth_comp_id_3 
_pdbx_validate_rmsd_angle.auth_seq_id_3 
_pdbx_validate_rmsd_angle.PDB_ins_code_3 
_pdbx_validate_rmsd_angle.label_alt_id_3 
_pdbx_validate_rmsd_angle.angle_value 
_pdbx_validate_rmsd_angle.angle_target_value 
_pdbx_validate_rmsd_angle.angle_deviation 
_pdbx_validate_rmsd_angle.angle_standard_deviation 
_pdbx_validate_rmsd_angle.linker_flag 
1 1 "O4'" A DC 1 ? ? "C1'" A DC 1 ? ? N1    A DC 1 ? ? 111.70 108.30 3.40  0.30 N 
2 1 N1    A DC 1 ? ? C2    A DC 1 ? ? O2    A DC 1 ? ? 123.18 118.90 4.28  0.60 N 
3 1 "O4'" A DG 2 ? ? "C4'" A DG 2 ? ? "C3'" A DG 2 ? ? 111.25 106.00 5.25  0.60 N 
4 1 "C1'" A DG 2 ? ? "O4'" A DG 2 ? ? "C4'" A DG 2 ? ? 102.57 110.10 -7.53 1.00 N 
5 1 "C3'" A DG 2 ? ? "O3'" A DG 2 ? ? P     A DT 3 ? ? 126.94 119.70 7.24  1.20 Y 
6 1 "O4'" A DA 4 ? ? "C1'" A DA 4 ? ? N9    A DA 4 ? ? 101.90 108.00 -6.10 0.70 N 
7 1 "O4'" A DC 5 ? ? "C1'" A DC 5 ? ? N1    A DC 5 ? ? 111.48 108.30 3.18  0.30 N 
# 
_struct_site_keywords.site_id   1 
_struct_site_keywords.text      INTERCALATION 
# 
loop_
_pdbx_struct_special_symmetry.id 
_pdbx_struct_special_symmetry.PDB_model_num 
_pdbx_struct_special_symmetry.auth_asym_id 
_pdbx_struct_special_symmetry.auth_comp_id 
_pdbx_struct_special_symmetry.auth_seq_id 
_pdbx_struct_special_symmetry.PDB_ins_code 
_pdbx_struct_special_symmetry.label_asym_id 
_pdbx_struct_special_symmetry.label_comp_id 
_pdbx_struct_special_symmetry.label_seq_id 
1 1 A HOH 21 ? C HOH . 
2 1 A HOH 22 ? C HOH . 
# 
loop_
_chem_comp_atom.comp_id 
_chem_comp_atom.atom_id 
_chem_comp_atom.type_symbol 
_chem_comp_atom.pdbx_aromatic_flag 
_chem_comp_atom.pdbx_stereo_config 
_chem_comp_atom.pdbx_ordinal 
AQS C1     C Y N 1   
AQS C2     C Y N 2   
AQS C3     C Y N 3   
AQS C4     C Y N 4   
AQS C5     C Y N 5   
AQS C6     C N N 6   
AQS O6     O N N 7   
AQS C7     C Y N 8   
AQS C8     C Y N 9   
AQS C9     C Y N 10  
AQS C16    C Y N 11  
AQS C17    C Y N 12  
AQS C18    C Y N 13  
AQS C19    C N N 14  
AQS O19    O N N 15  
AQS C20    C Y N 16  
AQS S1     S N N 17  
AQS O1S    O N N 18  
AQS O2S    O N N 19  
AQS N1     N N N 20  
AQS C1A    C N N 21  
AQS C2A    C N N 22  
AQS C3A    C N N 23  
AQS N3A    N N N 24  
AQS C1B    C N N 25  
AQS C2B    C N N 26  
AQS C3B    C N N 27  
AQS N3B    N N N 28  
AQS H1     H N N 29  
AQS H2     H N N 30  
AQS H4     H N N 31  
AQS H8     H N N 32  
AQS H9     H N N 33  
AQS H16    H N N 34  
AQS H17    H N N 35  
AQS HA11   H N N 36  
AQS HA12   H N N 37  
AQS HA21   H N N 38  
AQS HA22   H N N 39  
AQS HA31   H N N 40  
AQS HA32   H N N 41  
AQS HNA1   H N N 42  
AQS HNA2   H N N 43  
AQS HNA3   H N N 44  
AQS HB11   H N N 45  
AQS HB12   H N N 46  
AQS HB21   H N N 47  
AQS HB22   H N N 48  
AQS HB31   H N N 49  
AQS HB32   H N N 50  
AQS HNB1   H N N 51  
AQS HNB2   H N N 52  
AQS HNB3   H N N 53  
DA  OP3    O N N 54  
DA  P      P N N 55  
DA  OP1    O N N 56  
DA  OP2    O N N 57  
DA  "O5'"  O N N 58  
DA  "C5'"  C N N 59  
DA  "C4'"  C N R 60  
DA  "O4'"  O N N 61  
DA  "C3'"  C N S 62  
DA  "O3'"  O N N 63  
DA  "C2'"  C N N 64  
DA  "C1'"  C N R 65  
DA  N9     N Y N 66  
DA  C8     C Y N 67  
DA  N7     N Y N 68  
DA  C5     C Y N 69  
DA  C6     C Y N 70  
DA  N6     N N N 71  
DA  N1     N Y N 72  
DA  C2     C Y N 73  
DA  N3     N Y N 74  
DA  C4     C Y N 75  
DA  HOP3   H N N 76  
DA  HOP2   H N N 77  
DA  "H5'"  H N N 78  
DA  "H5''" H N N 79  
DA  "H4'"  H N N 80  
DA  "H3'"  H N N 81  
DA  "HO3'" H N N 82  
DA  "H2'"  H N N 83  
DA  "H2''" H N N 84  
DA  "H1'"  H N N 85  
DA  H8     H N N 86  
DA  H61    H N N 87  
DA  H62    H N N 88  
DA  H2     H N N 89  
DC  OP3    O N N 90  
DC  P      P N N 91  
DC  OP1    O N N 92  
DC  OP2    O N N 93  
DC  "O5'"  O N N 94  
DC  "C5'"  C N N 95  
DC  "C4'"  C N R 96  
DC  "O4'"  O N N 97  
DC  "C3'"  C N S 98  
DC  "O3'"  O N N 99  
DC  "C2'"  C N N 100 
DC  "C1'"  C N R 101 
DC  N1     N N N 102 
DC  C2     C N N 103 
DC  O2     O N N 104 
DC  N3     N N N 105 
DC  C4     C N N 106 
DC  N4     N N N 107 
DC  C5     C N N 108 
DC  C6     C N N 109 
DC  HOP3   H N N 110 
DC  HOP2   H N N 111 
DC  "H5'"  H N N 112 
DC  "H5''" H N N 113 
DC  "H4'"  H N N 114 
DC  "H3'"  H N N 115 
DC  "HO3'" H N N 116 
DC  "H2'"  H N N 117 
DC  "H2''" H N N 118 
DC  "H1'"  H N N 119 
DC  H41    H N N 120 
DC  H42    H N N 121 
DC  H5     H N N 122 
DC  H6     H N N 123 
DG  OP3    O N N 124 
DG  P      P N N 125 
DG  OP1    O N N 126 
DG  OP2    O N N 127 
DG  "O5'"  O N N 128 
DG  "C5'"  C N N 129 
DG  "C4'"  C N R 130 
DG  "O4'"  O N N 131 
DG  "C3'"  C N S 132 
DG  "O3'"  O N N 133 
DG  "C2'"  C N N 134 
DG  "C1'"  C N R 135 
DG  N9     N Y N 136 
DG  C8     C Y N 137 
DG  N7     N Y N 138 
DG  C5     C Y N 139 
DG  C6     C N N 140 
DG  O6     O N N 141 
DG  N1     N N N 142 
DG  C2     C N N 143 
DG  N2     N N N 144 
DG  N3     N N N 145 
DG  C4     C Y N 146 
DG  HOP3   H N N 147 
DG  HOP2   H N N 148 
DG  "H5'"  H N N 149 
DG  "H5''" H N N 150 
DG  "H4'"  H N N 151 
DG  "H3'"  H N N 152 
DG  "HO3'" H N N 153 
DG  "H2'"  H N N 154 
DG  "H2''" H N N 155 
DG  "H1'"  H N N 156 
DG  H8     H N N 157 
DG  H1     H N N 158 
DG  H21    H N N 159 
DG  H22    H N N 160 
DT  OP3    O N N 161 
DT  P      P N N 162 
DT  OP1    O N N 163 
DT  OP2    O N N 164 
DT  "O5'"  O N N 165 
DT  "C5'"  C N N 166 
DT  "C4'"  C N R 167 
DT  "O4'"  O N N 168 
DT  "C3'"  C N S 169 
DT  "O3'"  O N N 170 
DT  "C2'"  C N N 171 
DT  "C1'"  C N R 172 
DT  N1     N N N 173 
DT  C2     C N N 174 
DT  O2     O N N 175 
DT  N3     N N N 176 
DT  C4     C N N 177 
DT  O4     O N N 178 
DT  C5     C N N 179 
DT  C7     C N N 180 
DT  C6     C N N 181 
DT  HOP3   H N N 182 
DT  HOP2   H N N 183 
DT  "H5'"  H N N 184 
DT  "H5''" H N N 185 
DT  "H4'"  H N N 186 
DT  "H3'"  H N N 187 
DT  "HO3'" H N N 188 
DT  "H2'"  H N N 189 
DT  "H2''" H N N 190 
DT  "H1'"  H N N 191 
DT  H3     H N N 192 
DT  H71    H N N 193 
DT  H72    H N N 194 
DT  H73    H N N 195 
DT  H6     H N N 196 
HOH O      O N N 197 
HOH H1     H N N 198 
HOH H2     H N N 199 
# 
loop_
_chem_comp_bond.comp_id 
_chem_comp_bond.atom_id_1 
_chem_comp_bond.atom_id_2 
_chem_comp_bond.value_order 
_chem_comp_bond.pdbx_aromatic_flag 
_chem_comp_bond.pdbx_stereo_config 
_chem_comp_bond.pdbx_ordinal 
AQS C1    C2     doub Y N 1   
AQS C1    C20    sing Y N 2   
AQS C1    H1     sing N N 3   
AQS C2    C3     sing Y N 4   
AQS C2    H2     sing N N 5   
AQS C3    C4     doub Y N 6   
AQS C3    S1     sing N N 7   
AQS C4    C5     sing Y N 8   
AQS C4    H4     sing N N 9   
AQS C5    C6     sing N N 10  
AQS C5    C20    doub Y N 11  
AQS C6    O6     doub N N 12  
AQS C6    C7     sing N N 13  
AQS C7    C8     doub Y N 14  
AQS C7    C18    sing Y N 15  
AQS C8    C9     sing Y N 16  
AQS C8    H8     sing N N 17  
AQS C9    C16    doub Y N 18  
AQS C9    H9     sing N N 19  
AQS C16   C17    sing Y N 20  
AQS C16   H16    sing N N 21  
AQS C17   C18    doub Y N 22  
AQS C17   H17    sing N N 23  
AQS C18   C19    sing N N 24  
AQS C19   O19    doub N N 25  
AQS C19   C20    sing N N 26  
AQS S1    O1S    doub N N 27  
AQS S1    O2S    doub N N 28  
AQS S1    N1     sing N N 29  
AQS N1    C1A    sing N N 30  
AQS N1    C1B    sing N N 31  
AQS C1A   C2A    sing N N 32  
AQS C1A   HA11   sing N N 33  
AQS C1A   HA12   sing N N 34  
AQS C2A   C3A    sing N N 35  
AQS C2A   HA21   sing N N 36  
AQS C2A   HA22   sing N N 37  
AQS C3A   N3A    sing N N 38  
AQS C3A   HA31   sing N N 39  
AQS C3A   HA32   sing N N 40  
AQS N3A   HNA1   sing N N 41  
AQS N3A   HNA2   sing N N 42  
AQS N3A   HNA3   sing N N 43  
AQS C1B   C2B    sing N N 44  
AQS C1B   HB11   sing N N 45  
AQS C1B   HB12   sing N N 46  
AQS C2B   C3B    sing N N 47  
AQS C2B   HB21   sing N N 48  
AQS C2B   HB22   sing N N 49  
AQS C3B   N3B    sing N N 50  
AQS C3B   HB31   sing N N 51  
AQS C3B   HB32   sing N N 52  
AQS N3B   HNB1   sing N N 53  
AQS N3B   HNB2   sing N N 54  
AQS N3B   HNB3   sing N N 55  
DA  OP3   P      sing N N 56  
DA  OP3   HOP3   sing N N 57  
DA  P     OP1    doub N N 58  
DA  P     OP2    sing N N 59  
DA  P     "O5'"  sing N N 60  
DA  OP2   HOP2   sing N N 61  
DA  "O5'" "C5'"  sing N N 62  
DA  "C5'" "C4'"  sing N N 63  
DA  "C5'" "H5'"  sing N N 64  
DA  "C5'" "H5''" sing N N 65  
DA  "C4'" "O4'"  sing N N 66  
DA  "C4'" "C3'"  sing N N 67  
DA  "C4'" "H4'"  sing N N 68  
DA  "O4'" "C1'"  sing N N 69  
DA  "C3'" "O3'"  sing N N 70  
DA  "C3'" "C2'"  sing N N 71  
DA  "C3'" "H3'"  sing N N 72  
DA  "O3'" "HO3'" sing N N 73  
DA  "C2'" "C1'"  sing N N 74  
DA  "C2'" "H2'"  sing N N 75  
DA  "C2'" "H2''" sing N N 76  
DA  "C1'" N9     sing N N 77  
DA  "C1'" "H1'"  sing N N 78  
DA  N9    C8     sing Y N 79  
DA  N9    C4     sing Y N 80  
DA  C8    N7     doub Y N 81  
DA  C8    H8     sing N N 82  
DA  N7    C5     sing Y N 83  
DA  C5    C6     sing Y N 84  
DA  C5    C4     doub Y N 85  
DA  C6    N6     sing N N 86  
DA  C6    N1     doub Y N 87  
DA  N6    H61    sing N N 88  
DA  N6    H62    sing N N 89  
DA  N1    C2     sing Y N 90  
DA  C2    N3     doub Y N 91  
DA  C2    H2     sing N N 92  
DA  N3    C4     sing Y N 93  
DC  OP3   P      sing N N 94  
DC  OP3   HOP3   sing N N 95  
DC  P     OP1    doub N N 96  
DC  P     OP2    sing N N 97  
DC  P     "O5'"  sing N N 98  
DC  OP2   HOP2   sing N N 99  
DC  "O5'" "C5'"  sing N N 100 
DC  "C5'" "C4'"  sing N N 101 
DC  "C5'" "H5'"  sing N N 102 
DC  "C5'" "H5''" sing N N 103 
DC  "C4'" "O4'"  sing N N 104 
DC  "C4'" "C3'"  sing N N 105 
DC  "C4'" "H4'"  sing N N 106 
DC  "O4'" "C1'"  sing N N 107 
DC  "C3'" "O3'"  sing N N 108 
DC  "C3'" "C2'"  sing N N 109 
DC  "C3'" "H3'"  sing N N 110 
DC  "O3'" "HO3'" sing N N 111 
DC  "C2'" "C1'"  sing N N 112 
DC  "C2'" "H2'"  sing N N 113 
DC  "C2'" "H2''" sing N N 114 
DC  "C1'" N1     sing N N 115 
DC  "C1'" "H1'"  sing N N 116 
DC  N1    C2     sing N N 117 
DC  N1    C6     sing N N 118 
DC  C2    O2     doub N N 119 
DC  C2    N3     sing N N 120 
DC  N3    C4     doub N N 121 
DC  C4    N4     sing N N 122 
DC  C4    C5     sing N N 123 
DC  N4    H41    sing N N 124 
DC  N4    H42    sing N N 125 
DC  C5    C6     doub N N 126 
DC  C5    H5     sing N N 127 
DC  C6    H6     sing N N 128 
DG  OP3   P      sing N N 129 
DG  OP3   HOP3   sing N N 130 
DG  P     OP1    doub N N 131 
DG  P     OP2    sing N N 132 
DG  P     "O5'"  sing N N 133 
DG  OP2   HOP2   sing N N 134 
DG  "O5'" "C5'"  sing N N 135 
DG  "C5'" "C4'"  sing N N 136 
DG  "C5'" "H5'"  sing N N 137 
DG  "C5'" "H5''" sing N N 138 
DG  "C4'" "O4'"  sing N N 139 
DG  "C4'" "C3'"  sing N N 140 
DG  "C4'" "H4'"  sing N N 141 
DG  "O4'" "C1'"  sing N N 142 
DG  "C3'" "O3'"  sing N N 143 
DG  "C3'" "C2'"  sing N N 144 
DG  "C3'" "H3'"  sing N N 145 
DG  "O3'" "HO3'" sing N N 146 
DG  "C2'" "C1'"  sing N N 147 
DG  "C2'" "H2'"  sing N N 148 
DG  "C2'" "H2''" sing N N 149 
DG  "C1'" N9     sing N N 150 
DG  "C1'" "H1'"  sing N N 151 
DG  N9    C8     sing Y N 152 
DG  N9    C4     sing Y N 153 
DG  C8    N7     doub Y N 154 
DG  C8    H8     sing N N 155 
DG  N7    C5     sing Y N 156 
DG  C5    C6     sing N N 157 
DG  C5    C4     doub Y N 158 
DG  C6    O6     doub N N 159 
DG  C6    N1     sing N N 160 
DG  N1    C2     sing N N 161 
DG  N1    H1     sing N N 162 
DG  C2    N2     sing N N 163 
DG  C2    N3     doub N N 164 
DG  N2    H21    sing N N 165 
DG  N2    H22    sing N N 166 
DG  N3    C4     sing N N 167 
DT  OP3   P      sing N N 168 
DT  OP3   HOP3   sing N N 169 
DT  P     OP1    doub N N 170 
DT  P     OP2    sing N N 171 
DT  P     "O5'"  sing N N 172 
DT  OP2   HOP2   sing N N 173 
DT  "O5'" "C5'"  sing N N 174 
DT  "C5'" "C4'"  sing N N 175 
DT  "C5'" "H5'"  sing N N 176 
DT  "C5'" "H5''" sing N N 177 
DT  "C4'" "O4'"  sing N N 178 
DT  "C4'" "C3'"  sing N N 179 
DT  "C4'" "H4'"  sing N N 180 
DT  "O4'" "C1'"  sing N N 181 
DT  "C3'" "O3'"  sing N N 182 
DT  "C3'" "C2'"  sing N N 183 
DT  "C3'" "H3'"  sing N N 184 
DT  "O3'" "HO3'" sing N N 185 
DT  "C2'" "C1'"  sing N N 186 
DT  "C2'" "H2'"  sing N N 187 
DT  "C2'" "H2''" sing N N 188 
DT  "C1'" N1     sing N N 189 
DT  "C1'" "H1'"  sing N N 190 
DT  N1    C2     sing N N 191 
DT  N1    C6     sing N N 192 
DT  C2    O2     doub N N 193 
DT  C2    N3     sing N N 194 
DT  N3    C4     sing N N 195 
DT  N3    H3     sing N N 196 
DT  C4    O4     doub N N 197 
DT  C4    C5     sing N N 198 
DT  C5    C7     sing N N 199 
DT  C5    C6     doub N N 200 
DT  C7    H71    sing N N 201 
DT  C7    H72    sing N N 202 
DT  C7    H73    sing N N 203 
DT  C6    H6     sing N N 204 
HOH O     H1     sing N N 205 
HOH O     H2     sing N N 206 
# 
loop_
_ndb_struct_conf_na.entry_id 
_ndb_struct_conf_na.feature 
386D 'double helix'        
386D 'b-form double helix' 
# 
loop_
_ndb_struct_na_base_pair.model_number 
_ndb_struct_na_base_pair.i_label_asym_id 
_ndb_struct_na_base_pair.i_label_comp_id 
_ndb_struct_na_base_pair.i_label_seq_id 
_ndb_struct_na_base_pair.i_symmetry 
_ndb_struct_na_base_pair.j_label_asym_id 
_ndb_struct_na_base_pair.j_label_comp_id 
_ndb_struct_na_base_pair.j_label_seq_id 
_ndb_struct_na_base_pair.j_symmetry 
_ndb_struct_na_base_pair.shear 
_ndb_struct_na_base_pair.stretch 
_ndb_struct_na_base_pair.stagger 
_ndb_struct_na_base_pair.buckle 
_ndb_struct_na_base_pair.propeller 
_ndb_struct_na_base_pair.opening 
_ndb_struct_na_base_pair.pair_number 
_ndb_struct_na_base_pair.pair_name 
_ndb_struct_na_base_pair.i_auth_asym_id 
_ndb_struct_na_base_pair.i_auth_seq_id 
_ndb_struct_na_base_pair.i_PDB_ins_code 
_ndb_struct_na_base_pair.j_auth_asym_id 
_ndb_struct_na_base_pair.j_auth_seq_id 
_ndb_struct_na_base_pair.j_PDB_ins_code 
_ndb_struct_na_base_pair.hbond_type_28 
_ndb_struct_na_base_pair.hbond_type_12 
1 A DC 1 1_555 A DG 6 11_655 0.356  -0.283 0.040  -2.280  5.598  -7.000 1 A_DC1:DG6_A A 1 ? A 6 ? 19 1 
1 A DG 2 1_555 A DC 5 11_655 -0.183 -0.337 -0.157 -15.189 -6.482 -3.457 2 A_DG2:DC5_A A 2 ? A 5 ? 19 1 
1 A DT 3 1_555 A DA 4 11_655 -0.426 -0.094 0.068  0.613   -7.027 -4.276 3 A_DT3:DA4_A A 3 ? A 4 ? 20 1 
1 A DA 4 1_555 A DT 3 11_655 0.426  -0.094 0.068  -0.613  -7.027 -4.276 4 A_DA4:DT3_A A 4 ? A 3 ? 20 1 
1 A DC 5 1_555 A DG 2 11_655 0.183  -0.337 -0.157 15.189  -6.482 -3.457 5 A_DC5:DG2_A A 5 ? A 2 ? 19 1 
1 A DG 6 1_555 A DC 1 11_655 -0.356 -0.283 0.040  2.280   5.598  -7.000 6 A_DG6:DC1_A A 6 ? A 1 ? 19 1 
# 
loop_
_ndb_struct_na_base_pair_step.model_number 
_ndb_struct_na_base_pair_step.i_label_asym_id_1 
_ndb_struct_na_base_pair_step.i_label_comp_id_1 
_ndb_struct_na_base_pair_step.i_label_seq_id_1 
_ndb_struct_na_base_pair_step.i_symmetry_1 
_ndb_struct_na_base_pair_step.j_label_asym_id_1 
_ndb_struct_na_base_pair_step.j_label_comp_id_1 
_ndb_struct_na_base_pair_step.j_label_seq_id_1 
_ndb_struct_na_base_pair_step.j_symmetry_1 
_ndb_struct_na_base_pair_step.i_label_asym_id_2 
_ndb_struct_na_base_pair_step.i_label_comp_id_2 
_ndb_struct_na_base_pair_step.i_label_seq_id_2 
_ndb_struct_na_base_pair_step.i_symmetry_2 
_ndb_struct_na_base_pair_step.j_label_asym_id_2 
_ndb_struct_na_base_pair_step.j_label_comp_id_2 
_ndb_struct_na_base_pair_step.j_label_seq_id_2 
_ndb_struct_na_base_pair_step.j_symmetry_2 
_ndb_struct_na_base_pair_step.shift 
_ndb_struct_na_base_pair_step.slide 
_ndb_struct_na_base_pair_step.rise 
_ndb_struct_na_base_pair_step.tilt 
_ndb_struct_na_base_pair_step.roll 
_ndb_struct_na_base_pair_step.twist 
_ndb_struct_na_base_pair_step.x_displacement 
_ndb_struct_na_base_pair_step.y_displacement 
_ndb_struct_na_base_pair_step.helical_rise 
_ndb_struct_na_base_pair_step.inclination 
_ndb_struct_na_base_pair_step.tip 
_ndb_struct_na_base_pair_step.helical_twist 
_ndb_struct_na_base_pair_step.step_number 
_ndb_struct_na_base_pair_step.step_name 
_ndb_struct_na_base_pair_step.i_auth_asym_id_1 
_ndb_struct_na_base_pair_step.i_auth_seq_id_1 
_ndb_struct_na_base_pair_step.i_PDB_ins_code_1 
_ndb_struct_na_base_pair_step.j_auth_asym_id_1 
_ndb_struct_na_base_pair_step.j_auth_seq_id_1 
_ndb_struct_na_base_pair_step.j_PDB_ins_code_1 
_ndb_struct_na_base_pair_step.i_auth_asym_id_2 
_ndb_struct_na_base_pair_step.i_auth_seq_id_2 
_ndb_struct_na_base_pair_step.i_PDB_ins_code_2 
_ndb_struct_na_base_pair_step.j_auth_asym_id_2 
_ndb_struct_na_base_pair_step.j_auth_seq_id_2 
_ndb_struct_na_base_pair_step.j_PDB_ins_code_2 
1 A DC 1 1_555 A DG 6 11_655 A DG 2 1_555 A DC 5 11_655 1.432  0.547  7.114 1.075  -10.522 29.884 5.198  -2.195 6.594 -19.645 
-2.008 31.660 1 AA_DC1DG2:DC5DG6_AA A 1 ? A 6 ? A 2 ? A 5 ? 
1 A DG 2 1_555 A DC 5 11_655 A DT 3 1_555 A DA 4 11_655 -0.936 -0.162 2.929 -1.352 0.042   28.525 -0.337 1.621  2.969 0.086   
2.742  28.557 2 AA_DG2DT3:DA4DC5_AA A 2 ? A 5 ? A 3 ? A 4 ? 
1 A DT 3 1_555 A DA 4 11_655 A DA 4 1_555 A DT 3 11_655 0.000  -0.179 3.372 0.000  3.816   39.072 -0.734 0.000  3.341 5.689   
0.000  39.251 3 AA_DT3DA4:DT3DA4_AA A 3 ? A 4 ? A 4 ? A 3 ? 
1 A DA 4 1_555 A DT 3 11_655 A DC 5 1_555 A DG 2 11_655 0.936  -0.162 2.929 1.352  0.042   28.525 -0.337 -1.621 2.969 0.086   
-2.742 28.557 4 AA_DA4DC5:DG2DT3_AA A 4 ? A 3 ? A 5 ? A 2 ? 
1 A DC 5 1_555 A DG 2 11_655 A DG 6 1_555 A DC 1 11_655 -1.432 0.547  7.114 -1.075 -10.522 29.884 5.198  2.195  6.594 -19.645 
2.008  31.660 5 AA_DC5DG6:DC1DG2_AA A 5 ? A 2 ? A 6 ? A 1 ? 
# 
_atom_sites.entry_id                    386D 
_atom_sites.fract_transf_matrix[1][1]   -0.01746761 
_atom_sites.fract_transf_matrix[1][2]   -0.01494680 
_atom_sites.fract_transf_matrix[1][3]   0.02927638 
_atom_sites.fract_transf_matrix[2][1]   0.01317235 
_atom_sites.fract_transf_matrix[2][2]   -0.03110236 
_atom_sites.fract_transf_matrix[2][3]   0.01564476 
_atom_sites.fract_transf_matrix[3][1]   0.00868810 
_atom_sites.fract_transf_matrix[3][2]   0.00845944 
_atom_sites.fract_transf_matrix[3][3]   0.00950261 
_atom_sites.fract_transf_vector[1]      0.608340 
_atom_sites.fract_transf_vector[2]      0.406694 
_atom_sites.fract_transf_vector[3]      0.252487 
# 
loop_
_atom_type.symbol 
C 
N 
O 
P 
S 
# 
loop_
_atom_site.group_PDB 
_atom_site.id 
_atom_site.type_symbol 
_atom_site.label_atom_id 
_atom_site.label_alt_id 
_atom_site.label_comp_id 
_atom_site.label_asym_id 
_atom_site.label_entity_id 
_atom_site.label_seq_id 
_atom_site.pdbx_PDB_ins_code 
_atom_site.Cartn_x 
_atom_site.Cartn_y 
_atom_site.Cartn_z 
_atom_site.occupancy 
_atom_site.B_iso_or_equiv 
_atom_site.pdbx_formal_charge 
_atom_site.auth_seq_id 
_atom_site.auth_comp_id 
_atom_site.auth_asym_id 
_atom_site.auth_atom_id 
_atom_site.pdbx_PDB_model_num 
ATOM   1   O "O5'" . DC  A 1 1 ? 6.695   10.969  -0.965  1.00 32.17 ? 1  DC  A "O5'" 1 
ATOM   2   C "C5'" . DC  A 1 1 ? 7.332   10.768  -2.251  1.00 30.73 ? 1  DC  A "C5'" 1 
ATOM   3   C "C4'" . DC  A 1 1 ? 7.598   9.278   -2.627  1.00 26.68 ? 1  DC  A "C4'" 1 
ATOM   4   O "O4'" . DC  A 1 1 ? 8.315   8.588   -1.579  1.00 24.91 ? 1  DC  A "O4'" 1 
ATOM   5   C "C3'" . DC  A 1 1 ? 6.299   8.501   -2.890  1.00 25.57 ? 1  DC  A "C3'" 1 
ATOM   6   O "O3'" . DC  A 1 1 ? 6.355   7.768   -4.131  1.00 24.42 ? 1  DC  A "O3'" 1 
ATOM   7   C "C2'" . DC  A 1 1 ? 6.163   7.607   -1.680  1.00 21.10 ? 1  DC  A "C2'" 1 
ATOM   8   C "C1'" . DC  A 1 1 ? 7.566   7.460   -1.133  1.00 20.95 ? 1  DC  A "C1'" 1 
ATOM   9   N N1    . DC  A 1 1 ? 7.530   7.375   0.350   1.00 20.49 ? 1  DC  A N1    1 
ATOM   10  C C2    . DC  A 1 1 ? 7.923   6.170   0.934   1.00 17.60 ? 1  DC  A C2    1 
ATOM   11  O O2    . DC  A 1 1 ? 8.316   5.198   0.279   1.00 16.14 ? 1  DC  A O2    1 
ATOM   12  N N3    . DC  A 1 1 ? 7.846   6.065   2.281   1.00 14.96 ? 1  DC  A N3    1 
ATOM   13  C C4    . DC  A 1 1 ? 7.426   7.081   3.028   1.00 17.05 ? 1  DC  A C4    1 
ATOM   14  N N4    . DC  A 1 1 ? 7.405   6.874   4.337   1.00 14.59 ? 1  DC  A N4    1 
ATOM   15  C C5    . DC  A 1 1 ? 7.023   8.339   2.458   1.00 18.40 ? 1  DC  A C5    1 
ATOM   16  C C6    . DC  A 1 1 ? 7.095   8.432   1.116   1.00 18.05 ? 1  DC  A C6    1 
ATOM   17  P P     . DG  A 1 2 ? 5.073   7.559   -5.099  1.00 25.54 ? 2  DG  A P     1 
ATOM   18  O OP1   . DG  A 1 2 ? 5.552   7.347   -6.478  1.00 26.58 ? 2  DG  A OP1   1 
ATOM   19  O OP2   . DG  A 1 2 ? 4.087   8.623   -4.829  1.00 28.36 ? 2  DG  A OP2   1 
ATOM   20  O "O5'" . DG  A 1 2 ? 4.449   6.211   -4.566  1.00 25.76 ? 2  DG  A "O5'" 1 
ATOM   21  C "C5'" . DG  A 1 2 ? 5.293   5.073   -4.600  1.00 24.81 ? 2  DG  A "C5'" 1 
ATOM   22  C "C4'" . DG  A 1 2 ? 4.650   3.880   -3.943  1.00 23.30 ? 2  DG  A "C4'" 1 
ATOM   23  O "O4'" . DG  A 1 2 ? 4.387   4.072   -2.543  1.00 23.12 ? 2  DG  A "O4'" 1 
ATOM   24  C "C3'" . DG  A 1 2 ? 3.374   3.529   -4.702  1.00 20.87 ? 2  DG  A "C3'" 1 
ATOM   25  O "O3'" . DG  A 1 2 ? 3.721   2.411   -5.496  1.00 19.21 ? 2  DG  A "O3'" 1 
ATOM   26  C "C2'" . DG  A 1 2 ? 2.443   3.225   -3.587  1.00 21.26 ? 2  DG  A "C2'" 1 
ATOM   27  C "C1'" . DG  A 1 2 ? 3.287   3.218   -2.317  1.00 21.19 ? 2  DG  A "C1'" 1 
ATOM   28  N N9    . DG  A 1 2 ? 2.508   3.753   -1.200  1.00 19.16 ? 2  DG  A N9    1 
ATOM   29  C C8    . DG  A 1 2 ? 1.747   4.895   -1.093  1.00 16.10 ? 2  DG  A C8    1 
ATOM   30  N N7    . DG  A 1 2 ? 1.172   5.017   0.075   1.00 17.26 ? 2  DG  A N7    1 
ATOM   31  C C5    . DG  A 1 2 ? 1.588   3.876   0.759   1.00 15.70 ? 2  DG  A C5    1 
ATOM   32  C C6    . DG  A 1 2 ? 1.322   3.444   2.061   1.00 16.71 ? 2  DG  A C6    1 
ATOM   33  O O6    . DG  A 1 2 ? 0.647   3.986   2.921   1.00 17.49 ? 2  DG  A O6    1 
ATOM   34  N N1    . DG  A 1 2 ? 1.948   2.245   2.321   1.00 16.35 ? 2  DG  A N1    1 
ATOM   35  C C2    . DG  A 1 2 ? 2.730   1.555   1.444   1.00 12.93 ? 2  DG  A C2    1 
ATOM   36  N N2    . DG  A 1 2 ? 3.281   0.436   1.839   1.00 15.24 ? 2  DG  A N2    1 
ATOM   37  N N3    . DG  A 1 2 ? 2.994   1.938   0.233   1.00 12.07 ? 2  DG  A N3    1 
ATOM   38  C C4    . DG  A 1 2 ? 2.396   3.109   -0.031  1.00 16.07 ? 2  DG  A C4    1 
ATOM   39  P P     . DT  A 1 3 ? 2.726   1.419   -6.232  1.00 17.40 ? 3  DT  A P     1 
ATOM   40  O OP1   . DT  A 1 3 ? 3.388   1.002   -7.483  1.00 19.07 ? 3  DT  A OP1   1 
ATOM   41  O OP2   . DT  A 1 3 ? 1.363   2.019   -6.243  1.00 19.75 ? 3  DT  A OP2   1 
ATOM   42  O "O5'" . DT  A 1 3 ? 2.716   0.149   -5.268  1.00 17.91 ? 3  DT  A "O5'" 1 
ATOM   43  C "C5'" . DT  A 1 3 ? 3.936   -0.554  -5.054  1.00 13.04 ? 3  DT  A "C5'" 1 
ATOM   44  C "C4'" . DT  A 1 3 ? 3.734   -1.655  -4.048  1.00 14.03 ? 3  DT  A "C4'" 1 
ATOM   45  O "O4'" . DT  A 1 3 ? 3.206   -1.098  -2.821  1.00 13.63 ? 3  DT  A "O4'" 1 
ATOM   46  C "C3'" . DT  A 1 3 ? 2.741   -2.703  -4.555  1.00 15.29 ? 3  DT  A "C3'" 1 
ATOM   47  O "O3'" . DT  A 1 3 ? 3.326   -3.998  -4.343  1.00 16.95 ? 3  DT  A "O3'" 1 
ATOM   48  C "C2'" . DT  A 1 3 ? 1.502   -2.433  -3.697  1.00 13.01 ? 3  DT  A "C2'" 1 
ATOM   49  C "C1'" . DT  A 1 3 ? 2.052   -1.838  -2.418  1.00 11.20 ? 3  DT  A "C1'" 1 
ATOM   50  N N1    . DT  A 1 3 ? 1.169   -0.865  -1.761  1.00 9.48  ? 3  DT  A N1    1 
ATOM   51  C C2    . DT  A 1 3 ? 0.952   -1.036  -0.434  1.00 11.98 ? 3  DT  A C2    1 
ATOM   52  O O2    . DT  A 1 3 ? 1.412   -1.959  0.207   1.00 12.14 ? 3  DT  A O2    1 
ATOM   53  N N3    . DT  A 1 3 ? 0.159   -0.129  0.194   1.00 12.38 ? 3  DT  A N3    1 
ATOM   54  C C4    . DT  A 1 3 ? -0.432  0.944   -0.382  1.00 11.62 ? 3  DT  A C4    1 
ATOM   55  O O4    . DT  A 1 3 ? -1.100  1.689   0.311   1.00 14.06 ? 3  DT  A O4    1 
ATOM   56  C C5    . DT  A 1 3 ? -0.171  1.082   -1.781  1.00 13.71 ? 3  DT  A C5    1 
ATOM   57  C C7    . DT  A 1 3 ? -0.794  2.253   -2.538  1.00 11.79 ? 3  DT  A C7    1 
ATOM   58  C C6    . DT  A 1 3 ? 0.617   0.196   -2.416  1.00 12.71 ? 3  DT  A C6    1 
ATOM   59  P P     . DA  A 1 4 ? 2.606   -5.352  -4.740  1.00 18.25 ? 4  DA  A P     1 
ATOM   60  O OP1   . DA  A 1 4 ? 3.624   -6.411  -4.948  1.00 20.86 ? 4  DA  A OP1   1 
ATOM   61  O OP2   . DA  A 1 4 ? 1.604   -5.021  -5.787  1.00 20.85 ? 4  DA  A OP2   1 
ATOM   62  O "O5'" . DA  A 1 4 ? 1.825   -5.678  -3.392  1.00 14.98 ? 4  DA  A "O5'" 1 
ATOM   63  C "C5'" . DA  A 1 4 ? 2.573   -5.960  -2.227  1.00 11.64 ? 4  DA  A "C5'" 1 
ATOM   64  C "C4'" . DA  A 1 4 ? 1.670   -6.367  -1.082  1.00 15.41 ? 4  DA  A "C4'" 1 
ATOM   65  O "O4'" . DA  A 1 4 ? 0.905   -5.273  -0.574  1.00 11.43 ? 4  DA  A "O4'" 1 
ATOM   66  C "C3'" . DA  A 1 4 ? 0.708   -7.444  -1.545  1.00 14.39 ? 4  DA  A "C3'" 1 
ATOM   67  O "O3'" . DA  A 1 4 ? 0.845   -8.533  -0.612  1.00 18.56 ? 4  DA  A "O3'" 1 
ATOM   68  C "C2'" . DA  A 1 4 ? -0.606  -6.686  -1.524  1.00 14.26 ? 4  DA  A "C2'" 1 
ATOM   69  C "C1'" . DA  A 1 4 ? -0.447  -5.666  -0.421  1.00 11.86 ? 4  DA  A "C1'" 1 
ATOM   70  N N9    . DA  A 1 4 ? -1.152  -4.407  -0.637  1.00 14.49 ? 4  DA  A N9    1 
ATOM   71  C C8    . DA  A 1 4 ? -1.283  -3.693  -1.799  1.00 13.30 ? 4  DA  A C8    1 
ATOM   72  N N7    . DA  A 1 4 ? -1.967  -2.595  -1.666  1.00 15.15 ? 4  DA  A N7    1 
ATOM   73  C C5    . DA  A 1 4 ? -2.297  -2.568  -0.315  1.00 11.48 ? 4  DA  A C5    1 
ATOM   74  C C6    . DA  A 1 4 ? -3.014  -1.662  0.465   1.00 8.19  ? 4  DA  A C6    1 
ATOM   75  N N6    . DA  A 1 4 ? -3.529  -0.538  0.000   1.00 7.41  ? 4  DA  A N6    1 
ATOM   76  N N1    . DA  A 1 4 ? -3.197  -1.959  1.748   1.00 6.90  ? 4  DA  A N1    1 
ATOM   77  C C2    . DA  A 1 4 ? -2.656  -3.062  2.232   1.00 11.11 ? 4  DA  A C2    1 
ATOM   78  N N3    . DA  A 1 4 ? -1.952  -3.993  1.619   1.00 13.38 ? 4  DA  A N3    1 
ATOM   79  C C4    . DA  A 1 4 ? -1.801  -3.670  0.320   1.00 13.68 ? 4  DA  A C4    1 
ATOM   80  P P     . DC  A 1 5 ? 0.023   -9.916  -0.688  1.00 23.98 ? 5  DC  A P     1 
ATOM   81  O OP1   . DC  A 1 5 ? 0.662   -10.903 0.212   1.00 22.46 ? 5  DC  A OP1   1 
ATOM   82  O OP2   . DC  A 1 5 ? -0.232  -10.257 -2.106  1.00 20.57 ? 5  DC  A OP2   1 
ATOM   83  O "O5'" . DC  A 1 5 ? -1.380  -9.537  -0.034  1.00 23.11 ? 5  DC  A "O5'" 1 
ATOM   84  C "C5'" . DC  A 1 5 ? -1.441  -9.326  1.380   1.00 22.16 ? 5  DC  A "C5'" 1 
ATOM   85  C "C4'" . DC  A 1 5 ? -2.796  -8.781  1.765   1.00 22.14 ? 5  DC  A "C4'" 1 
ATOM   86  O "O4'" . DC  A 1 5 ? -2.930  -7.483  1.192   1.00 18.16 ? 5  DC  A "O4'" 1 
ATOM   87  C "C3'" . DC  A 1 5 ? -3.907  -9.673  1.179   1.00 25.05 ? 5  DC  A "C3'" 1 
ATOM   88  O "O3'" . DC  A 1 5 ? -4.852  -10.091 2.171   1.00 32.54 ? 5  DC  A "O3'" 1 
ATOM   89  C "C2'" . DC  A 1 5 ? -4.537  -8.722  0.212   1.00 22.88 ? 5  DC  A "C2'" 1 
ATOM   90  C "C1'" . DC  A 1 5 ? -4.271  -7.390  0.865   1.00 16.78 ? 5  DC  A "C1'" 1 
ATOM   91  N N1    . DC  A 1 5 ? -4.542  -6.211  0.047   1.00 15.07 ? 5  DC  A N1    1 
ATOM   92  C C2    . DC  A 1 5 ? -5.033  -5.088  0.691   1.00 13.67 ? 5  DC  A C2    1 
ATOM   93  O O2    . DC  A 1 5 ? -5.215  -5.077  1.906   1.00 15.16 ? 5  DC  A O2    1 
ATOM   94  N N3    . DC  A 1 5 ? -5.327  -3.983  -0.040  1.00 11.27 ? 5  DC  A N3    1 
ATOM   95  C C4    . DC  A 1 5 ? -5.130  -3.983  -1.353  1.00 15.90 ? 5  DC  A C4    1 
ATOM   96  N N4    . DC  A 1 5 ? -5.403  -2.880  -2.026  1.00 12.59 ? 5  DC  A N4    1 
ATOM   97  C C5    . DC  A 1 5 ? -4.601  -5.119  -2.038  1.00 14.42 ? 5  DC  A C5    1 
ATOM   98  C C6    . DC  A 1 5 ? -4.317  -6.205  -1.291  1.00 17.89 ? 5  DC  A C6    1 
ATOM   99  P P     . DG  A 1 6 ? -5.791  -11.408 2.035   1.00 35.70 ? 6  DG  A P     1 
ATOM   100 O OP1   . DG  A 1 6 ? -5.059  -12.520 2.676   1.00 38.24 ? 6  DG  A OP1   1 
ATOM   101 O OP2   . DG  A 1 6 ? -6.344  -11.550 0.671   1.00 30.14 ? 6  DG  A OP2   1 
ATOM   102 O "O5'" . DG  A 1 6 ? -6.996  -10.988 2.968   1.00 33.46 ? 6  DG  A "O5'" 1 
ATOM   103 C "C5'" . DG  A 1 6 ? -6.935  -10.899 4.393   1.00 28.71 ? 6  DG  A "C5'" 1 
ATOM   104 C "C4'" . DG  A 1 6 ? -8.370  -10.929 4.941   1.00 26.64 ? 6  DG  A "C4'" 1 
ATOM   105 O "O4'" . DG  A 1 6 ? -9.178  -9.775  4.612   1.00 22.80 ? 6  DG  A "O4'" 1 
ATOM   106 C "C3'" . DG  A 1 6 ? -9.022  -12.111 4.258   1.00 23.84 ? 6  DG  A "C3'" 1 
ATOM   107 O "O3'" . DG  A 1 6 ? -8.637  -13.290 4.962   1.00 27.15 ? 6  DG  A "O3'" 1 
ATOM   108 C "C2'" . DG  A 1 6 ? -10.477 -11.735 4.265   1.00 19.30 ? 6  DG  A "C2'" 1 
ATOM   109 C "C1'" . DG  A 1 6 ? -10.487 -10.205 4.213   1.00 16.41 ? 6  DG  A "C1'" 1 
ATOM   110 N N9    . DG  A 1 6 ? -10.691 -9.600  2.903   1.00 10.92 ? 6  DG  A N9    1 
ATOM   111 C C8    . DG  A 1 6 ? -10.292 -10.072 1.686   1.00 10.19 ? 6  DG  A C8    1 
ATOM   112 N N7    . DG  A 1 6 ? -10.595 -9.290  0.706   1.00 8.81  ? 6  DG  A N7    1 
ATOM   113 C C5    . DG  A 1 6 ? -11.224 -8.215  1.312   1.00 11.88 ? 6  DG  A C5    1 
ATOM   114 C C6    . DG  A 1 6 ? -11.755 -7.035  0.731   1.00 12.55 ? 6  DG  A C6    1 
ATOM   115 O O6    . DG  A 1 6 ? -11.781 -6.691  -0.457  1.00 13.14 ? 6  DG  A O6    1 
ATOM   116 N N1    . DG  A 1 6 ? -12.289 -6.207  1.678   1.00 10.66 ? 6  DG  A N1    1 
ATOM   117 C C2    . DG  A 1 6 ? -12.328 -6.473  3.016   1.00 13.46 ? 6  DG  A C2    1 
ATOM   118 N N2    . DG  A 1 6 ? -12.914 -5.549  3.759   1.00 13.95 ? 6  DG  A N2    1 
ATOM   119 N N3    . DG  A 1 6 ? -11.839 -7.577  3.581   1.00 11.92 ? 6  DG  A N3    1 
ATOM   120 C C4    . DG  A 1 6 ? -11.285 -8.394  2.663   1.00 8.35  ? 6  DG  A C4    1 
HETATM 121 C C1    . AQS B 2 . ? 4.847   4.940   1.021   1.00 13.67 ? 7  AQS A C1    1 
HETATM 122 C C2    . AQS B 2 . ? 4.253   6.209   1.072   1.00 16.06 ? 7  AQS A C2    1 
HETATM 123 C C3    . AQS B 2 . ? 3.846   6.728   2.307   1.00 17.39 ? 7  AQS A C3    1 
HETATM 124 C C4    . AQS B 2 . ? 4.000   5.988   3.493   1.00 13.12 ? 7  AQS A C4    1 
HETATM 125 C C5    . AQS B 2 . ? 4.572   4.707   3.442   1.00 14.50 ? 7  AQS A C5    1 
HETATM 126 C C6    . AQS B 2 . ? 4.754   3.908   4.703   1.00 14.61 ? 7  AQS A C6    1 
HETATM 127 O O6    . AQS B 2 . ? 4.398   4.362   5.774   1.00 17.92 ? 7  AQS A O6    1 
HETATM 128 C C7    . AQS B 2 . ? 5.392   2.535   4.620   1.00 15.41 ? 7  AQS A C7    1 
HETATM 129 C C8    . AQS B 2 . ? 5.577   1.777   5.793   1.00 15.49 ? 7  AQS A C8    1 
HETATM 130 C C9    . AQS B 2 . ? 6.149   0.495   5.703   1.00 15.94 ? 7  AQS A C9    1 
HETATM 131 C C16   . AQS B 2 . ? 6.543   -0.038  4.461   1.00 14.63 ? 7  AQS A C16   1 
HETATM 132 C C17   . AQS B 2 . ? 6.388   0.727   3.294   1.00 16.51 ? 7  AQS A C17   1 
HETATM 133 C C18   . AQS B 2 . ? 5.812   2.012   3.369   1.00 15.60 ? 7  AQS A C18   1 
HETATM 134 C C19   . AQS B 2 . ? 5.648   2.828   2.110   1.00 16.51 ? 7  AQS A C19   1 
HETATM 135 O O19   . AQS B 2 . ? 5.998   2.395   1.027   1.00 15.69 ? 7  AQS A O19   1 
HETATM 136 C C20   . AQS B 2 . ? 5.000   4.186   2.198   1.00 15.37 ? 7  AQS A C20   1 
HETATM 137 S S1    . AQS B 2 . ? 3.118   8.334   2.353   1.00 20.48 ? 7  AQS A S1    1 
HETATM 138 O O1S   . AQS B 2 . ? 3.441   8.952   3.612   1.00 18.76 ? 7  AQS A O1S   1 
HETATM 139 O O2S   . AQS B 2 . ? 3.573   9.116   1.232   1.00 15.16 ? 7  AQS A O2S   1 
HETATM 140 N N1    . AQS B 2 . ? 1.379   8.093   2.261   1.00 22.91 ? 7  AQS A N1    1 
HETATM 141 C C1A   . AQS B 2 . ? 0.655   8.227   0.988   1.00 27.18 ? 7  AQS A C1A   1 
HETATM 142 C C2A   . AQS B 2 . ? 0.164   9.620   0.562   1.00 32.13 ? 7  AQS A C2A   1 
HETATM 143 C C3A   . AQS B 2 . ? 0.334   10.115  -0.879  1.00 36.72 ? 7  AQS A C3A   1 
HETATM 144 N N3A   . AQS B 2 . ? -0.854  10.361  -1.711  1.00 40.19 ? 7  AQS A N3A   1 
HETATM 145 C C1B   . AQS B 2 . ? 0.582   7.402   3.297   1.00 20.26 ? 7  AQS A C1B   1 
HETATM 146 C C2B   . AQS B 2 . ? -0.273  8.199   4.310   1.00 19.86 ? 7  AQS A C2B   1 
HETATM 147 C C3B   . AQS B 2 . ? -0.028  9.719   4.523   1.00 20.09 ? 7  AQS A C3B   1 
HETATM 148 N N3B   . AQS B 2 . ? -0.918  10.562  5.343   1.00 14.84 ? 7  AQS A N3B   1 
HETATM 149 O O     . HOH C 3 . ? 2.314   6.870   9.043   0.50 31.01 ? 21 HOH A O     1 
HETATM 150 O O     . HOH C 3 . ? 7.753   4.130   -2.260  0.50 25.40 ? 22 HOH A O     1 
HETATM 151 O O     . HOH C 3 . ? -7.397  18.141  5.594   1.00 30.11 ? 23 HOH A O     1 
HETATM 152 O O     . HOH C 3 . ? -2.754  -7.600  -5.421  1.00 51.27 ? 24 HOH A O     1 
HETATM 153 O O     . HOH C 3 . ? -1.578  13.379  -2.271  1.00 27.04 ? 25 HOH A O     1 
HETATM 154 O O     . HOH C 3 . ? -2.704  5.245   -2.954  1.00 27.20 ? 26 HOH A O     1 
HETATM 155 O O     . HOH C 3 . ? -5.081  2.514   -9.884  1.00 38.36 ? 27 HOH A O     1 
HETATM 156 O O     . HOH C 3 . ? -5.419  14.047  8.227   1.00 39.98 ? 28 HOH A O     1 
HETATM 157 O O     . HOH C 3 . ? -1.019  -4.754  -4.790  1.00 29.29 ? 29 HOH A O     1 
HETATM 158 O O     . HOH C 3 . ? -4.336  -2.830  -4.978  1.00 45.05 ? 30 HOH A O     1 
HETATM 159 O O     . HOH C 3 . ? -2.568  -0.751  -3.625  1.00 29.10 ? 31 HOH A O     1 
HETATM 160 O O     . HOH C 3 . ? -2.505  4.149   -0.186  1.00 24.20 ? 32 HOH A O     1 
HETATM 161 O O     . HOH C 3 . ? 0.196   6.593   -3.547  1.00 41.63 ? 33 HOH A O     1 
HETATM 162 O O     . HOH C 3 . ? -6.090  5.265   -15.101 1.00 31.13 ? 34 HOH A O     1 
HETATM 163 O O     . HOH C 3 . ? -2.920  -9.108  -2.890  1.00 33.18 ? 35 HOH A O     1 
HETATM 164 O O     . HOH C 3 . ? 4.543   4.919   8.650   1.00 30.45 ? 36 HOH A O     1 
HETATM 165 O O     . HOH C 3 . ? 3.494   10.780  -1.520  1.00 36.30 ? 37 HOH A O     1 
HETATM 166 O O     . HOH C 3 . ? -2.385  5.810   2.438   1.00 46.75 ? 38 HOH A O     1 
HETATM 167 O O     . HOH C 3 . ? 7.841   6.289   11.988  1.00 52.17 ? 39 HOH A O     1 
HETATM 168 O O     . HOH C 3 . ? -5.962  -14.855 4.533   1.00 54.35 ? 40 HOH A O     1 
HETATM 169 O O     . HOH C 3 . ? 2.506   7.986   -2.006  1.00 40.92 ? 41 HOH A O     1 
HETATM 170 O O     . HOH C 3 . ? -1.260  0.645   -5.981  1.00 55.13 ? 42 HOH A O     1 
# 
